data_1FUV
#
_entry.id   1FUV
#
_cell.length_a   1.000
_cell.length_b   1.000
_cell.length_c   1.000
_cell.angle_alpha   90.00
_cell.angle_beta   90.00
_cell.angle_gamma   90.00
#
_symmetry.space_group_name_H-M   'P 1'
#
_entity_poly.entity_id   1
_entity_poly.type   'polypeptide(L)'
_entity_poly.pdbx_seq_one_letter_code
;ACDCRGDCFCG
;
_entity_poly.pdbx_strand_id   A
#
# COMPACT_ATOMS: atom_id res chain seq x y z
N ALA A 1 1.85 1.81 -4.84
CA ALA A 1 3.08 1.34 -4.12
C ALA A 1 2.71 0.36 -3.01
N CYS A 2 3.67 -0.07 -2.24
CA CYS A 2 3.40 -1.02 -1.13
C CYS A 2 4.21 -0.59 0.08
N ASP A 3 3.78 0.45 0.76
CA ASP A 3 4.55 0.93 1.94
C ASP A 3 3.61 1.26 3.09
N CYS A 4 2.70 2.15 2.83
CA CYS A 4 1.72 2.53 3.90
C CYS A 4 1.03 1.26 4.41
N ARG A 5 -0.26 1.10 4.23
CA ARG A 5 -0.91 -0.15 4.72
C ARG A 5 -2.18 -0.45 3.95
N GLY A 6 -3.00 0.54 3.79
CA GLY A 6 -4.27 0.36 3.04
C GLY A 6 -4.36 1.41 1.92
N ASP A 7 -3.40 2.30 1.84
CA ASP A 7 -3.43 3.33 0.77
C ASP A 7 -2.32 3.06 -0.23
N CYS A 8 -1.15 2.83 0.26
CA CYS A 8 -0.02 2.51 -0.65
C CYS A 8 0.01 1.00 -0.81
N PHE A 9 -1.09 0.44 -1.23
CA PHE A 9 -1.19 -1.04 -1.38
C PHE A 9 -0.65 -1.51 -2.74
N CYS A 10 -0.31 -2.76 -2.84
CA CYS A 10 0.23 -3.28 -4.14
C CYS A 10 -0.56 -4.54 -4.54
N GLY A 11 -1.81 -4.61 -4.19
CA GLY A 11 -2.63 -5.79 -4.55
C GLY A 11 -3.95 -5.75 -3.78
N ALA A 1 3.31 1.69 -4.18
CA ALA A 1 4.09 1.78 -2.92
C ALA A 1 3.67 0.68 -1.95
N CYS A 2 4.26 0.63 -0.79
CA CYS A 2 3.90 -0.42 0.21
C CYS A 2 3.95 0.22 1.59
N ASP A 3 2.92 0.93 1.98
CA ASP A 3 2.98 1.57 3.33
C ASP A 3 1.67 1.41 4.07
N CYS A 4 0.63 1.99 3.57
CA CYS A 4 -0.69 1.88 4.25
C CYS A 4 -1.02 0.39 4.41
N ARG A 5 -2.02 -0.12 3.74
CA ARG A 5 -2.32 -1.56 3.86
C ARG A 5 -2.99 -2.06 2.59
N GLY A 6 -4.23 -1.72 2.43
CA GLY A 6 -4.98 -2.13 1.22
C GLY A 6 -5.20 -0.91 0.32
N ASP A 7 -4.50 0.17 0.58
CA ASP A 7 -4.67 1.40 -0.26
C ASP A 7 -3.33 1.77 -0.88
N CYS A 8 -2.28 1.65 -0.12
CA CYS A 8 -0.93 1.95 -0.67
C CYS A 8 -0.28 0.63 -1.02
N PHE A 9 -1.08 -0.33 -1.42
CA PHE A 9 -0.57 -1.68 -1.77
C PHE A 9 0.63 -1.60 -2.70
N CYS A 10 1.30 -2.69 -2.93
CA CYS A 10 2.49 -2.67 -3.83
C CYS A 10 2.05 -2.86 -5.28
N GLY A 11 0.98 -3.56 -5.47
CA GLY A 11 0.45 -3.80 -6.83
C GLY A 11 1.18 -5.00 -7.45
N ALA A 1 -4.56 -2.11 2.76
CA ALA A 1 -3.85 -1.21 3.72
C ALA A 1 -3.07 -0.14 2.97
N CYS A 2 -2.41 0.74 3.67
CA CYS A 2 -1.61 1.80 3.00
C CYS A 2 -0.33 2.02 3.78
N ASP A 3 0.66 1.22 3.55
CA ASP A 3 1.94 1.36 4.32
C ASP A 3 3.13 1.47 3.39
N CYS A 4 3.38 0.44 2.64
CA CYS A 4 4.54 0.48 1.70
C CYS A 4 4.42 1.72 0.80
N ARG A 5 4.13 1.56 -0.45
CA ARG A 5 3.98 2.74 -1.33
C ARG A 5 3.05 2.41 -2.49
N GLY A 6 3.57 1.71 -3.45
CA GLY A 6 2.75 1.31 -4.62
C GLY A 6 2.59 -0.22 -4.59
N ASP A 7 2.72 -0.82 -3.42
CA ASP A 7 2.58 -2.30 -3.33
C ASP A 7 1.59 -2.65 -2.23
N CYS A 8 1.70 -2.04 -1.08
CA CYS A 8 0.72 -2.32 0.00
C CYS A 8 -0.43 -1.32 -0.09
N PHE A 9 -0.64 -0.80 -1.28
CA PHE A 9 -1.72 0.21 -1.51
C PHE A 9 -3.04 -0.21 -0.86
N CYS A 10 -4.02 0.66 -0.86
CA CYS A 10 -5.34 0.32 -0.24
C CYS A 10 -6.32 -0.23 -1.27
N GLY A 11 -6.12 0.11 -2.51
CA GLY A 11 -7.03 -0.38 -3.58
C GLY A 11 -7.75 0.82 -4.21
N ALA A 1 -5.34 -2.07 2.39
CA ALA A 1 -4.82 -1.01 3.30
C ALA A 1 -3.80 -0.14 2.55
N CYS A 2 -3.20 0.79 3.23
CA CYS A 2 -2.19 1.67 2.59
C CYS A 2 -1.07 1.94 3.58
N ASP A 3 -0.14 1.03 3.69
CA ASP A 3 0.96 1.22 4.68
C ASP A 3 2.31 1.32 4.00
N CYS A 4 2.75 0.24 3.43
CA CYS A 4 4.07 0.23 2.73
C CYS A 4 4.15 1.44 1.78
N ARG A 5 4.05 1.23 0.49
CA ARG A 5 4.11 2.39 -0.44
C ARG A 5 3.37 2.01 -1.73
N GLY A 6 4.07 1.42 -2.65
CA GLY A 6 3.45 1.00 -3.93
C GLY A 6 3.23 -0.52 -3.88
N ASP A 7 3.03 -1.07 -2.70
CA ASP A 7 2.80 -2.54 -2.58
C ASP A 7 1.62 -2.83 -1.65
N CYS A 8 1.62 -2.25 -0.48
CA CYS A 8 0.47 -2.45 0.44
C CYS A 8 -0.60 -1.41 0.13
N PHE A 9 -0.64 -0.97 -1.10
CA PHE A 9 -1.63 0.07 -1.53
C PHE A 9 -3.07 -0.33 -1.18
N CYS A 10 -4.01 0.52 -1.48
CA CYS A 10 -5.44 0.21 -1.20
C CYS A 10 -6.15 -0.31 -2.44
N GLY A 11 -5.53 -0.21 -3.58
CA GLY A 11 -6.16 -0.70 -4.84
C GLY A 11 -6.77 0.48 -5.60
N ALA A 1 0.27 0.16 -5.53
CA ALA A 1 1.57 0.71 -5.03
C ALA A 1 1.89 0.13 -3.66
N CYS A 2 2.97 0.57 -3.07
CA CYS A 2 3.37 0.06 -1.72
C CYS A 2 3.91 1.23 -0.91
N ASP A 3 3.05 2.04 -0.37
CA ASP A 3 3.55 3.22 0.41
C ASP A 3 2.82 3.35 1.74
N CYS A 4 1.54 3.61 1.68
CA CYS A 4 0.76 3.73 2.94
C CYS A 4 0.98 2.49 3.81
N ARG A 5 0.02 1.62 3.95
CA ARG A 5 0.26 0.40 4.77
C ARG A 5 -0.63 -0.73 4.29
N GLY A 6 -1.88 -0.67 4.65
CA GLY A 6 -2.85 -1.73 4.24
C GLY A 6 -3.79 -1.16 3.18
N ASP A 7 -3.47 0.00 2.65
CA ASP A 7 -4.35 0.61 1.60
C ASP A 7 -3.56 0.79 0.32
N CYS A 8 -2.38 1.32 0.42
CA CYS A 8 -1.54 1.49 -0.79
C CYS A 8 -0.69 0.22 -0.94
N PHE A 9 -1.34 -0.92 -0.87
CA PHE A 9 -0.62 -2.22 -0.94
C PHE A 9 -0.43 -2.66 -2.40
N CYS A 10 0.46 -3.59 -2.63
CA CYS A 10 0.71 -4.08 -4.03
C CYS A 10 -0.03 -5.39 -4.28
N GLY A 11 -0.67 -5.92 -3.27
CA GLY A 11 -1.42 -7.19 -3.45
C GLY A 11 -1.44 -7.97 -2.13
N ALA A 1 5.34 -1.78 1.00
CA ALA A 1 5.47 -1.35 -0.43
C ALA A 1 4.46 -0.25 -0.74
N CYS A 2 4.34 0.11 -1.99
CA CYS A 2 3.38 1.17 -2.40
C CYS A 2 2.75 0.77 -3.74
N ASP A 3 1.75 -0.05 -3.71
CA ASP A 3 1.13 -0.47 -5.01
C ASP A 3 -0.38 -0.46 -4.91
N CYS A 4 -0.91 -1.27 -4.06
CA CYS A 4 -2.40 -1.32 -3.88
C CYS A 4 -2.92 0.10 -3.62
N ARG A 5 -3.46 0.38 -2.47
CA ARG A 5 -3.94 1.77 -2.21
C ARG A 5 -3.94 2.06 -0.72
N GLY A 6 -4.45 1.16 0.04
CA GLY A 6 -4.50 1.32 1.51
C GLY A 6 -4.03 0.04 2.18
N ASP A 7 -3.62 -0.94 1.40
CA ASP A 7 -3.13 -2.22 2.00
C ASP A 7 -1.65 -2.38 1.71
N CYS A 8 -1.23 -2.03 0.54
CA CYS A 8 0.21 -2.13 0.20
C CYS A 8 0.83 -0.76 0.42
N PHE A 9 0.42 -0.11 1.47
CA PHE A 9 0.94 1.26 1.78
C PHE A 9 2.41 1.21 2.19
N CYS A 10 3.05 2.35 2.31
CA CYS A 10 4.49 2.37 2.71
C CYS A 10 4.62 2.81 4.18
N GLY A 11 3.54 3.19 4.79
CA GLY A 11 3.61 3.63 6.22
C GLY A 11 2.26 3.33 6.91
N ALA A 1 -4.38 -3.31 1.15
CA ALA A 1 -4.50 -2.25 2.18
C ALA A 1 -3.85 -0.95 1.68
N CYS A 2 -3.72 0.02 2.54
CA CYS A 2 -3.09 1.32 2.15
C CYS A 2 -2.22 1.82 3.30
N ASP A 3 -1.04 1.28 3.44
CA ASP A 3 -0.16 1.72 4.57
C ASP A 3 1.26 1.96 4.09
N CYS A 4 1.92 0.93 3.69
CA CYS A 4 3.33 1.07 3.20
C CYS A 4 3.39 2.20 2.16
N ARG A 5 3.59 1.89 0.90
CA ARG A 5 3.62 2.96 -0.12
C ARG A 5 3.22 2.39 -1.47
N GLY A 6 4.17 1.81 -2.16
CA GLY A 6 3.88 1.20 -3.49
C GLY A 6 3.69 -0.31 -3.32
N ASP A 7 3.58 -0.80 -2.10
CA ASP A 7 3.38 -2.26 -1.90
C ASP A 7 2.06 -2.54 -1.18
N CYS A 8 1.84 -1.89 -0.08
CA CYS A 8 0.57 -2.09 0.64
C CYS A 8 -0.47 -1.14 0.05
N PHE A 9 -0.48 -1.03 -1.25
CA PHE A 9 -1.42 -0.10 -1.94
C PHE A 9 -2.82 -0.71 -2.05
N CYS A 10 -3.80 0.09 -2.41
CA CYS A 10 -5.20 -0.44 -2.54
C CYS A 10 -5.55 -0.66 -4.02
N GLY A 11 -4.71 -0.22 -4.91
CA GLY A 11 -5.00 -0.39 -6.36
C GLY A 11 -3.98 0.40 -7.18
N ALA A 1 5.21 -0.02 2.32
CA ALA A 1 5.43 -0.35 0.89
C ALA A 1 4.24 0.16 0.05
N CYS A 2 4.13 -0.30 -1.16
CA CYS A 2 3.01 0.13 -2.05
C CYS A 2 2.54 -1.08 -2.86
N ASP A 3 1.70 -1.89 -2.29
CA ASP A 3 1.24 -3.10 -3.04
C ASP A 3 -0.26 -3.27 -2.93
N CYS A 4 -0.75 -3.48 -1.76
CA CYS A 4 -2.23 -3.65 -1.58
C CYS A 4 -2.94 -2.44 -2.20
N ARG A 5 -3.58 -1.61 -1.41
CA ARG A 5 -4.24 -0.42 -2.00
C ARG A 5 -4.34 0.69 -0.95
N GLY A 6 -5.40 0.69 -0.20
CA GLY A 6 -5.57 1.71 0.87
C GLY A 6 -5.05 1.15 2.19
N ASP A 7 -4.08 0.27 2.12
CA ASP A 7 -3.52 -0.32 3.38
C ASP A 7 -2.01 -0.45 3.26
N CYS A 8 -1.53 -1.01 2.20
CA CYS A 8 -0.06 -1.12 2.01
C CYS A 8 0.42 0.13 1.27
N PHE A 9 -0.22 1.24 1.53
CA PHE A 9 0.13 2.51 0.83
C PHE A 9 1.61 2.87 1.05
N CYS A 10 2.13 3.74 0.22
CA CYS A 10 3.56 4.14 0.37
C CYS A 10 3.68 5.67 0.38
N GLY A 11 3.11 6.32 1.36
CA GLY A 11 3.18 7.80 1.42
C GLY A 11 2.98 8.26 2.86
N ALA A 1 1.22 0.79 -5.53
CA ALA A 1 2.52 0.39 -4.95
C ALA A 1 2.32 -0.54 -3.74
N CYS A 2 3.38 -0.94 -3.10
CA CYS A 2 3.27 -1.83 -1.91
C CYS A 2 4.29 -1.39 -0.87
N ASP A 3 4.01 -0.34 -0.14
CA ASP A 3 5.00 0.13 0.87
C ASP A 3 4.32 0.49 2.18
N CYS A 4 3.59 1.55 2.20
CA CYS A 4 2.87 1.96 3.45
C CYS A 4 2.12 0.76 4.02
N ARG A 5 0.81 0.76 4.00
CA ARG A 5 0.07 -0.42 4.52
C ARG A 5 -1.28 -0.52 3.83
N GLY A 6 -2.26 0.19 4.34
CA GLY A 6 -3.62 0.17 3.73
C GLY A 6 -3.77 1.36 2.79
N ASP A 7 -2.69 2.02 2.45
CA ASP A 7 -2.77 3.19 1.53
C ASP A 7 -1.91 2.95 0.31
N CYS A 8 -0.64 2.69 0.50
CA CYS A 8 0.24 2.41 -0.66
C CYS A 8 0.08 0.94 -1.03
N PHE A 9 -1.12 0.44 -0.92
CA PHE A 9 -1.39 -1.00 -1.24
C PHE A 9 -1.39 -1.24 -2.74
N CYS A 10 -1.34 -2.48 -3.15
CA CYS A 10 -1.34 -2.81 -4.60
C CYS A 10 -2.13 -4.10 -4.86
N GLY A 11 -3.42 -4.07 -4.63
CA GLY A 11 -4.23 -5.31 -4.85
C GLY A 11 -5.70 -4.98 -4.60
N ALA A 1 -4.86 -3.74 0.59
CA ALA A 1 -4.73 -2.89 1.82
C ALA A 1 -3.95 -1.61 1.49
N CYS A 2 -3.90 -0.70 2.41
CA CYS A 2 -3.15 0.57 2.19
C CYS A 2 -2.45 0.96 3.48
N ASP A 3 -1.30 0.40 3.73
CA ASP A 3 -0.58 0.73 5.00
C ASP A 3 0.87 1.08 4.74
N CYS A 4 1.63 0.15 4.24
CA CYS A 4 3.06 0.42 3.95
C CYS A 4 3.17 1.67 3.06
N ARG A 5 3.55 1.52 1.82
CA ARG A 5 3.63 2.72 0.94
C ARG A 5 3.46 2.29 -0.52
N GLY A 6 4.52 1.89 -1.14
CA GLY A 6 4.45 1.43 -2.56
C GLY A 6 4.42 -0.10 -2.59
N ASP A 7 4.03 -0.72 -1.50
CA ASP A 7 3.97 -2.21 -1.46
C ASP A 7 2.60 -2.66 -0.97
N CYS A 8 2.18 -2.15 0.14
CA CYS A 8 0.84 -2.50 0.67
C CYS A 8 -0.17 -1.51 0.08
N PHE A 9 0.06 -1.10 -1.13
CA PHE A 9 -0.84 -0.11 -1.79
C PHE A 9 -2.27 -0.64 -1.89
N CYS A 10 -3.22 0.23 -2.12
CA CYS A 10 -4.65 -0.22 -2.25
C CYS A 10 -5.28 0.32 -3.54
N GLY A 11 -4.48 0.86 -4.43
CA GLY A 11 -5.03 1.40 -5.70
C GLY A 11 -4.41 0.66 -6.88
N ALA A 1 -4.27 -3.52 2.43
CA ALA A 1 -4.44 -2.15 3.02
C ALA A 1 -3.68 -1.12 2.19
N CYS A 2 -3.61 0.10 2.65
CA CYS A 2 -2.90 1.18 1.90
C CYS A 2 -2.15 2.05 2.91
N ASP A 3 -1.00 1.62 3.34
CA ASP A 3 -0.24 2.43 4.34
C ASP A 3 1.17 2.71 3.88
N CYS A 4 1.95 1.70 3.72
CA CYS A 4 3.36 1.89 3.25
C CYS A 4 3.35 2.75 1.98
N ARG A 5 3.67 2.18 0.85
CA ARG A 5 3.63 2.98 -0.41
C ARG A 5 3.38 2.06 -1.59
N GLY A 6 4.41 1.44 -2.07
CA GLY A 6 4.29 0.49 -3.20
C GLY A 6 4.36 -0.94 -2.67
N ASP A 7 4.13 -1.12 -1.40
CA ASP A 7 4.18 -2.51 -0.83
C ASP A 7 2.89 -2.81 -0.10
N CYS A 8 2.45 -1.93 0.76
CA CYS A 8 1.17 -2.14 1.47
C CYS A 8 0.05 -1.52 0.63
N PHE A 9 0.21 -1.54 -0.66
CA PHE A 9 -0.79 -0.92 -1.58
C PHE A 9 -2.18 -1.54 -1.37
N CYS A 10 -3.21 -0.88 -1.86
CA CYS A 10 -4.59 -1.41 -1.70
C CYS A 10 -5.30 -1.47 -3.06
N GLY A 11 -4.58 -1.22 -4.13
CA GLY A 11 -5.22 -1.25 -5.48
C GLY A 11 -4.63 -2.38 -6.30
N ALA A 1 -4.20 -3.04 1.67
CA ALA A 1 -4.28 -1.95 2.69
C ALA A 1 -3.49 -0.73 2.21
N CYS A 2 -3.37 0.26 3.05
CA CYS A 2 -2.61 1.50 2.68
C CYS A 2 -1.82 1.97 3.90
N ASP A 3 -0.70 1.35 4.16
CA ASP A 3 0.09 1.76 5.36
C ASP A 3 1.56 1.87 5.02
N CYS A 4 2.18 0.77 4.70
CA CYS A 4 3.63 0.80 4.35
C CYS A 4 3.87 1.87 3.27
N ARG A 5 4.18 1.50 2.05
CA ARG A 5 4.38 2.53 1.01
C ARG A 5 4.09 1.94 -0.36
N GLY A 6 5.03 1.20 -0.88
CA GLY A 6 4.85 0.55 -2.20
C GLY A 6 4.50 -0.92 -2.01
N ASP A 7 4.23 -1.35 -0.80
CA ASP A 7 3.89 -2.79 -0.57
C ASP A 7 2.49 -2.91 0.03
N CYS A 8 2.22 -2.16 1.05
CA CYS A 8 0.85 -2.22 1.66
C CYS A 8 -0.03 -1.23 0.90
N PHE A 9 0.00 -1.31 -0.40
CA PHE A 9 -0.81 -0.38 -1.26
C PHE A 9 -2.26 -0.86 -1.39
N CYS A 10 -3.14 0.00 -1.85
CA CYS A 10 -4.57 -0.41 -2.00
C CYS A 10 -4.89 -0.71 -3.47
N GLY A 11 -4.10 -0.19 -4.35
CA GLY A 11 -4.34 -0.43 -5.80
C GLY A 11 -3.36 0.42 -6.62
N ALA A 1 0.15 4.12 3.69
CA ALA A 1 -1.26 3.65 3.58
C ALA A 1 -1.29 2.14 3.30
N CYS A 2 -2.46 1.58 3.15
CA CYS A 2 -2.58 0.13 2.86
C CYS A 2 -3.72 -0.08 1.89
N ASP A 3 -3.53 0.17 0.62
CA ASP A 3 -4.67 -0.01 -0.34
C ASP A 3 -4.24 -0.70 -1.61
N CYS A 4 -3.37 -0.08 -2.34
CA CYS A 4 -2.89 -0.69 -3.61
C CYS A 4 -2.27 -2.06 -3.27
N ARG A 5 -1.00 -2.24 -3.43
CA ARG A 5 -0.39 -3.54 -3.08
C ARG A 5 1.07 -3.34 -2.69
N GLY A 6 1.89 -3.09 -3.67
CA GLY A 6 3.33 -2.85 -3.41
C GLY A 6 3.65 -1.38 -3.73
N ASP A 7 2.65 -0.55 -3.82
CA ASP A 7 2.91 0.90 -4.13
C ASP A 7 2.34 1.75 -3.00
N CYS A 8 1.18 1.42 -2.55
CA CYS A 8 0.57 2.17 -1.42
C CYS A 8 0.83 1.37 -0.13
N PHE A 9 1.88 0.60 -0.14
CA PHE A 9 2.25 -0.26 1.02
C PHE A 9 2.11 0.49 2.34
N CYS A 10 2.18 -0.21 3.45
CA CYS A 10 2.01 0.44 4.78
C CYS A 10 3.35 0.90 5.37
N GLY A 11 4.39 0.96 4.59
CA GLY A 11 5.70 1.39 5.15
C GLY A 11 6.56 0.16 5.42
N ALA A 1 -0.82 1.71 -4.97
CA ALA A 1 0.55 1.13 -5.12
C ALA A 1 0.87 0.23 -3.93
N CYS A 2 2.14 0.00 -3.68
CA CYS A 2 2.53 -0.88 -2.54
C CYS A 2 3.75 -0.28 -1.83
N ASP A 3 3.59 0.86 -1.21
CA ASP A 3 4.76 1.49 -0.52
C ASP A 3 4.34 2.06 0.82
N CYS A 4 3.28 2.81 0.81
CA CYS A 4 2.78 3.41 2.08
C CYS A 4 2.41 2.27 3.04
N ARG A 5 1.19 2.18 3.46
CA ARG A 5 0.81 1.07 4.37
C ARG A 5 -0.68 0.79 4.24
N GLY A 6 -1.48 1.58 4.91
CA GLY A 6 -2.95 1.40 4.85
C GLY A 6 -3.52 2.24 3.69
N ASP A 7 -2.71 2.55 2.72
CA ASP A 7 -3.21 3.36 1.56
C ASP A 7 -2.61 2.81 0.27
N CYS A 8 -1.34 3.01 0.06
CA CYS A 8 -0.71 2.43 -1.15
C CYS A 8 -0.42 0.97 -0.85
N PHE A 9 -1.41 0.26 -0.39
CA PHE A 9 -1.22 -1.17 -0.01
C PHE A 9 -1.25 -2.08 -1.24
N CYS A 10 -0.76 -3.29 -1.10
CA CYS A 10 -0.75 -4.24 -2.25
C CYS A 10 -1.88 -5.26 -2.12
N GLY A 11 -2.69 -5.14 -1.10
CA GLY A 11 -3.80 -6.09 -0.91
C GLY A 11 -4.37 -5.94 0.51
N ALA A 1 2.34 -1.04 -4.85
CA ALA A 1 3.53 -0.60 -4.06
C ALA A 1 3.21 -0.65 -2.57
N CYS A 2 4.07 -0.11 -1.75
CA CYS A 2 3.83 -0.12 -0.28
C CYS A 2 4.29 1.22 0.28
N ASP A 3 3.47 2.22 0.19
CA ASP A 3 3.89 3.56 0.71
C ASP A 3 2.90 4.10 1.74
N CYS A 4 1.70 4.29 1.35
CA CYS A 4 0.67 4.81 2.31
C CYS A 4 0.63 3.90 3.54
N ARG A 5 -0.40 3.11 3.70
CA ARG A 5 -0.44 2.19 4.87
C ARG A 5 -1.31 0.99 4.53
N GLY A 6 -2.59 1.19 4.55
CA GLY A 6 -3.54 0.09 4.22
C GLY A 6 -4.30 0.49 2.95
N ASP A 7 -3.74 1.37 2.15
CA ASP A 7 -4.44 1.79 0.90
C ASP A 7 -3.50 1.63 -0.29
N CYS A 8 -2.27 2.05 -0.16
CA CYS A 8 -1.31 1.86 -1.27
C CYS A 8 -0.57 0.54 -1.06
N PHE A 9 -1.20 -0.37 -0.35
CA PHE A 9 -0.56 -1.68 -0.04
C PHE A 9 0.02 -2.32 -1.30
N CYS A 10 0.73 -3.42 -1.15
CA CYS A 10 1.34 -4.09 -2.33
C CYS A 10 0.40 -5.16 -2.90
N GLY A 11 -0.48 -5.64 -2.08
CA GLY A 11 -1.44 -6.70 -2.54
C GLY A 11 -0.66 -7.91 -3.06
N ALA A 1 -0.66 4.51 3.69
CA ALA A 1 -1.92 3.72 3.52
C ALA A 1 -1.60 2.29 3.09
N CYS A 2 -2.59 1.44 3.05
CA CYS A 2 -2.37 0.03 2.63
C CYS A 2 -3.57 -0.41 1.79
N ASP A 3 -3.57 -0.11 0.52
CA ASP A 3 -4.73 -0.49 -0.32
C ASP A 3 -4.27 -1.14 -1.61
N CYS A 4 -3.58 -0.41 -2.43
CA CYS A 4 -3.08 -0.99 -3.72
C CYS A 4 -2.31 -2.29 -3.42
N ARG A 5 -1.01 -2.30 -3.59
CA ARG A 5 -0.25 -3.53 -3.29
C ARG A 5 1.18 -3.17 -2.92
N GLY A 6 2.01 -3.02 -3.91
CA GLY A 6 3.43 -2.65 -3.66
C GLY A 6 3.60 -1.14 -3.89
N ASP A 7 2.51 -0.40 -3.91
CA ASP A 7 2.61 1.08 -4.13
C ASP A 7 1.96 1.81 -2.98
N CYS A 8 0.73 1.47 -2.67
CA CYS A 8 0.05 2.13 -1.52
C CYS A 8 0.38 1.33 -0.26
N PHE A 9 1.57 0.79 -0.20
CA PHE A 9 1.99 -0.03 0.97
C PHE A 9 1.89 0.78 2.27
N CYS A 10 1.88 0.11 3.39
CA CYS A 10 1.80 0.84 4.70
C CYS A 10 2.91 0.36 5.65
N GLY A 11 3.87 -0.39 5.14
CA GLY A 11 4.97 -0.89 6.02
C GLY A 11 5.17 -2.39 5.78
N ALA A 1 6.10 -0.22 0.47
CA ALA A 1 5.67 -0.58 -0.92
C ALA A 1 4.26 -0.04 -1.19
N CYS A 2 3.78 -0.21 -2.38
CA CYS A 2 2.41 0.27 -2.74
C CYS A 2 1.77 -0.77 -3.65
N ASP A 3 1.19 -1.79 -3.09
CA ASP A 3 0.59 -2.85 -3.94
C ASP A 3 -0.90 -3.01 -3.66
N CYS A 4 -1.23 -3.35 -2.47
CA CYS A 4 -2.67 -3.52 -2.12
C CYS A 4 -3.42 -2.22 -2.46
N ARG A 5 -3.81 -1.45 -1.48
CA ARG A 5 -4.52 -0.18 -1.79
C ARG A 5 -4.28 0.82 -0.67
N GLY A 6 -4.94 0.60 0.42
CA GLY A 6 -4.79 1.48 1.60
C GLY A 6 -4.25 0.64 2.78
N ASP A 7 -3.62 -0.47 2.48
CA ASP A 7 -3.07 -1.33 3.57
C ASP A 7 -1.59 -1.59 3.33
N CYS A 8 -1.23 -1.84 2.11
CA CYS A 8 0.21 -2.05 1.80
C CYS A 8 0.81 -0.73 1.34
N PHE A 9 0.20 0.36 1.73
CA PHE A 9 0.67 1.71 1.33
C PHE A 9 2.19 1.83 1.44
N CYS A 10 2.75 2.92 0.96
CA CYS A 10 4.22 3.11 1.03
C CYS A 10 4.60 3.81 2.32
N GLY A 11 3.69 4.53 2.88
CA GLY A 11 3.97 5.26 4.16
C GLY A 11 3.11 6.52 4.22
N ALA A 1 4.16 0.06 -4.13
CA ALA A 1 4.84 0.04 -2.80
C ALA A 1 3.90 -0.57 -1.75
N CYS A 2 4.39 -0.78 -0.54
CA CYS A 2 3.54 -1.36 0.53
C CYS A 2 3.89 -0.66 1.84
N ASP A 3 3.32 0.49 2.08
CA ASP A 3 3.66 1.22 3.34
C ASP A 3 2.42 1.56 4.13
N CYS A 4 1.54 2.31 3.56
CA CYS A 4 0.29 2.69 4.29
C CYS A 4 -0.42 1.40 4.74
N ARG A 5 -1.52 1.05 4.13
CA ARG A 5 -2.21 -0.21 4.53
C ARG A 5 -3.00 -0.74 3.33
N GLY A 6 -4.12 -0.14 3.09
CA GLY A 6 -4.97 -0.56 1.93
C GLY A 6 -5.02 0.60 0.93
N ASP A 7 -4.05 1.49 0.97
CA ASP A 7 -4.05 2.64 0.03
C ASP A 7 -2.72 2.68 -0.73
N CYS A 8 -1.64 2.53 -0.04
CA CYS A 8 -0.31 2.53 -0.73
C CYS A 8 0.04 1.06 -1.05
N PHE A 9 -0.97 0.23 -1.16
CA PHE A 9 -0.75 -1.21 -1.44
C PHE A 9 0.24 -1.42 -2.60
N CYS A 10 0.60 -2.65 -2.88
CA CYS A 10 1.57 -2.94 -3.97
C CYS A 10 0.83 -3.26 -5.27
N GLY A 11 -0.12 -2.45 -5.63
CA GLY A 11 -0.89 -2.70 -6.88
C GLY A 11 -1.95 -3.77 -6.62
N ALA A 1 -5.40 -2.81 1.75
CA ALA A 1 -4.85 -2.07 2.91
C ALA A 1 -3.76 -1.09 2.46
N CYS A 2 -3.18 -0.37 3.38
CA CYS A 2 -2.11 0.60 3.05
C CYS A 2 -1.07 0.55 4.16
N ASP A 3 -0.15 -0.37 4.06
CA ASP A 3 0.88 -0.50 5.16
C ASP A 3 2.27 -0.24 4.63
N CYS A 4 2.71 -1.03 3.71
CA CYS A 4 4.08 -0.85 3.14
C CYS A 4 4.21 0.59 2.63
N ARG A 5 4.18 0.79 1.33
CA ARG A 5 4.28 2.18 0.81
C ARG A 5 3.61 2.26 -0.55
N GLY A 6 4.26 1.74 -1.53
CA GLY A 6 3.70 1.73 -2.91
C GLY A 6 3.54 0.28 -3.36
N ASP A 7 3.46 -0.64 -2.42
CA ASP A 7 3.30 -2.08 -2.80
C ASP A 7 2.08 -2.66 -2.11
N CYS A 8 1.91 -2.34 -0.87
CA CYS A 8 0.71 -2.84 -0.12
C CYS A 8 -0.38 -1.77 -0.20
N PHE A 9 -0.31 -0.93 -1.21
CA PHE A 9 -1.30 0.17 -1.38
C PHE A 9 -2.74 -0.33 -1.23
N CYS A 10 -3.70 0.57 -1.25
CA CYS A 10 -5.13 0.16 -1.07
C CYS A 10 -5.82 -0.09 -2.41
N GLY A 11 -5.08 -0.37 -3.45
CA GLY A 11 -5.73 -0.61 -4.76
C GLY A 11 -6.00 0.72 -5.46
#